data_4IPW
#
_entry.id   4IPW
#
_cell.length_a   77.772
_cell.length_b   77.772
_cell.length_c   262.896
_cell.angle_alpha   90.00
_cell.angle_beta   90.00
_cell.angle_gamma   120.00
#
_symmetry.space_group_name_H-M   'P 65 2 2'
#
loop_
_entity.id
_entity.type
_entity.pdbx_description
1 polymer 'Cytochrome P450 121'
2 non-polymer 'PROTOPORPHYRIN IX CONTAINING FE'
3 non-polymer 'SULFATE ION'
4 non-polymer (3S,6S)-3-(3,4-dihydroxybenzyl)-6-(4-hydroxybenzyl)piperazine-2,5-dione
5 non-polymer GLYCEROL
6 non-polymer 'PHOSPHATE ION'
7 water water
#
_entity_poly.entity_id   1
_entity_poly.type   'polypeptide(L)'
_entity_poly.pdbx_seq_one_letter_code
;TATVLLEVPFSARGDRIPDAVAELRTREPIRKVRTITGAEAWLVSSYALCTQVLEDRRFSMKETAAAGAPRLNALTVPPE
VVNNMGNIADAGLRKAVMKAITPKAPGLEQFLRDTANSLLDNLITEGAPADLRNDFADPLATALHCKVLGIPQEDGPKLF
RSLSIAFMSSADPIPAAKINWDRDIEYMAGILENPNITTGLMGELSRLRKDPAYSHVSDELFATIGVTFFGAGVISTGSF
LTTALISLIQRPQLRNLLHEKPELIPAGVEELLRINLSFADGLPRLATADIQVGDVLVRKGELVLVLLEGANFDPEHFPN
PGSIELDRPNPTSHLAFGRGQHFCPGSALGRRHAQIGIEALLKKMPGVDLAVPIDQLVWRTRFQRRIPERLPVLW
;
_entity_poly.pdbx_strand_id   A
#
# COMPACT_ATOMS: atom_id res chain seq x y z
N ALA A 2 23.03 -30.76 0.91
CA ALA A 2 22.93 -29.53 0.12
C ALA A 2 21.61 -28.79 0.35
N THR A 3 21.61 -27.46 0.18
CA THR A 3 20.41 -26.62 0.32
C THR A 3 20.26 -25.76 -0.95
N VAL A 4 19.02 -25.32 -1.20
CA VAL A 4 18.73 -24.45 -2.34
C VAL A 4 18.99 -23.00 -1.89
N LEU A 5 19.14 -22.11 -2.88
CA LEU A 5 19.30 -20.68 -2.64
C LEU A 5 18.10 -20.16 -1.83
N LEU A 6 18.38 -19.27 -0.86
CA LEU A 6 17.35 -18.65 -0.05
C LEU A 6 16.21 -18.09 -0.92
N GLU A 7 14.98 -18.45 -0.54
CA GLU A 7 13.78 -18.03 -1.25
C GLU A 7 13.06 -16.88 -0.57
N VAL A 8 12.44 -16.01 -1.39
CA VAL A 8 11.61 -14.91 -0.88
C VAL A 8 10.19 -15.14 -1.37
N PRO A 9 9.18 -14.68 -0.60
CA PRO A 9 9.25 -14.00 0.71
C PRO A 9 9.50 -14.96 1.87
N PHE A 10 9.92 -14.44 3.03
CA PHE A 10 10.22 -15.30 4.18
C PHE A 10 9.00 -15.84 4.89
N SER A 11 8.01 -14.98 5.13
CA SER A 11 6.75 -15.33 5.83
C SER A 11 5.67 -14.35 5.50
N ALA A 12 4.46 -14.86 5.33
CA ALA A 12 3.29 -14.04 5.10
C ALA A 12 2.75 -13.42 6.41
N ARG A 13 3.30 -13.81 7.59
CA ARG A 13 2.80 -13.24 8.84
C ARG A 13 3.16 -11.76 8.93
N GLY A 14 2.17 -10.94 9.25
CA GLY A 14 2.39 -9.50 9.41
C GLY A 14 2.40 -9.01 10.85
N ASP A 15 2.48 -9.93 11.84
CA ASP A 15 2.48 -9.58 13.25
C ASP A 15 3.86 -9.72 13.89
N ARG A 16 4.85 -10.19 13.12
CA ARG A 16 6.23 -10.31 13.63
C ARG A 16 7.20 -10.26 12.49
N ILE A 17 8.37 -9.66 12.72
CA ILE A 17 9.41 -9.64 11.70
C ILE A 17 10.30 -10.87 11.89
N PRO A 18 10.61 -11.61 10.82
CA PRO A 18 11.48 -12.80 10.97
C PRO A 18 12.88 -12.41 11.45
N ASP A 19 13.49 -13.23 12.33
CA ASP A 19 14.86 -13.03 12.79
C ASP A 19 15.83 -12.98 11.59
N ALA A 20 15.50 -13.67 10.47
CA ALA A 20 16.35 -13.67 9.26
C ALA A 20 16.61 -12.27 8.74
N VAL A 21 15.66 -11.33 8.89
CA VAL A 21 15.88 -9.99 8.33
C VAL A 21 17.13 -9.33 8.98
N ALA A 22 17.21 -9.33 10.34
CA ALA A 22 18.35 -8.74 11.00
C ALA A 22 19.66 -9.49 10.70
N GLU A 23 19.57 -10.83 10.54
CA GLU A 23 20.75 -11.64 10.18
C GLU A 23 21.28 -11.23 8.78
N LEU A 24 20.37 -11.10 7.77
CA LEU A 24 20.81 -10.67 6.44
C LEU A 24 21.35 -9.26 6.51
N ARG A 25 20.66 -8.37 7.27
CA ARG A 25 21.09 -6.99 7.27
C ARG A 25 22.51 -6.83 7.83
N THR A 26 22.80 -7.59 8.91
CA THR A 26 24.10 -7.50 9.55
C THR A 26 25.18 -8.13 8.68
N ARG A 27 24.91 -9.33 8.12
CA ARG A 27 25.92 -10.10 7.41
C ARG A 27 26.04 -9.82 5.93
N GLU A 28 24.89 -9.55 5.24
CA GLU A 28 24.93 -9.45 3.77
C GLU A 28 23.73 -8.60 3.33
N PRO A 29 23.84 -7.29 3.57
CA PRO A 29 22.71 -6.38 3.30
C PRO A 29 22.28 -6.26 1.86
N ILE A 30 23.09 -6.84 0.95
CA ILE A 30 22.65 -7.09 -0.42
C ILE A 30 23.08 -8.52 -0.71
N ARG A 31 22.13 -9.40 -1.04
CA ARG A 31 22.47 -10.79 -1.29
C ARG A 31 21.49 -11.43 -2.26
N LYS A 32 21.92 -12.53 -2.91
CA LYS A 32 21.09 -13.17 -3.92
C LYS A 32 20.03 -14.03 -3.28
N VAL A 33 18.83 -14.02 -3.88
CA VAL A 33 17.67 -14.81 -3.44
C VAL A 33 16.95 -15.33 -4.67
N ARG A 34 16.03 -16.29 -4.47
CA ARG A 34 15.21 -16.79 -5.60
C ARG A 34 13.76 -16.36 -5.33
N THR A 35 13.09 -15.83 -6.33
CA THR A 35 11.69 -15.40 -6.18
C THR A 35 10.75 -16.56 -6.53
N ILE A 36 9.44 -16.33 -6.36
CA ILE A 36 8.45 -17.39 -6.61
C ILE A 36 8.41 -17.81 -8.07
N THR A 37 8.94 -16.97 -9.02
CA THR A 37 8.92 -17.41 -10.42
C THR A 37 10.09 -18.27 -10.76
N GLY A 38 11.05 -18.42 -9.84
CA GLY A 38 12.28 -19.17 -10.13
C GLY A 38 13.43 -18.26 -10.53
N ALA A 39 13.18 -16.95 -10.73
CA ALA A 39 14.28 -16.04 -11.07
C ALA A 39 15.14 -15.74 -9.85
N GLU A 40 16.39 -15.35 -10.11
CA GLU A 40 17.26 -14.87 -9.04
C GLU A 40 17.14 -13.34 -9.00
N ALA A 41 17.38 -12.78 -7.80
CA ALA A 41 17.27 -11.34 -7.58
C ALA A 41 18.22 -10.96 -6.48
N TRP A 42 18.47 -9.63 -6.36
CA TRP A 42 19.24 -9.11 -5.23
C TRP A 42 18.32 -8.56 -4.17
N LEU A 43 18.38 -9.10 -2.95
CA LEU A 43 17.54 -8.59 -1.85
C LEU A 43 18.37 -7.60 -1.04
N VAL A 44 17.86 -6.36 -0.95
CA VAL A 44 18.53 -5.27 -0.25
C VAL A 44 17.81 -5.01 1.07
N SER A 45 18.54 -5.01 2.21
CA SER A 45 17.87 -5.00 3.52
C SER A 45 18.39 -3.97 4.54
N SER A 46 19.34 -3.10 4.16
CA SER A 46 19.78 -2.05 5.10
C SER A 46 19.16 -0.73 4.67
N TYR A 47 18.96 0.20 5.62
CA TYR A 47 18.42 1.52 5.28
C TYR A 47 19.30 2.21 4.24
N ALA A 48 20.65 2.19 4.42
CA ALA A 48 21.54 2.90 3.49
C ALA A 48 21.42 2.37 2.07
N LEU A 49 21.40 1.04 1.91
CA LEU A 49 21.33 0.50 0.55
C LEU A 49 19.94 0.57 -0.07
N CYS A 50 18.89 0.42 0.75
CA CYS A 50 17.51 0.58 0.24
C CYS A 50 17.34 1.99 -0.30
N THR A 51 17.77 3.02 0.46
CA THR A 51 17.65 4.42 -0.03
C THR A 51 18.45 4.64 -1.30
N GLN A 52 19.67 4.04 -1.39
CA GLN A 52 20.49 4.22 -2.58
C GLN A 52 19.76 3.67 -3.81
N VAL A 53 19.18 2.47 -3.70
CA VAL A 53 18.48 1.92 -4.87
C VAL A 53 17.25 2.77 -5.25
N LEU A 54 16.43 3.15 -4.26
CA LEU A 54 15.20 3.90 -4.56
C LEU A 54 15.48 5.33 -5.09
N GLU A 55 16.65 5.88 -4.77
CA GLU A 55 16.99 7.22 -5.26
C GLU A 55 17.78 7.24 -6.55
N ASP A 56 18.08 6.06 -7.15
CA ASP A 56 18.85 6.01 -8.39
C ASP A 56 17.90 5.55 -9.46
N ARG A 57 17.51 6.48 -10.36
CA ARG A 57 16.56 6.18 -11.43
C ARG A 57 17.04 5.12 -12.41
N ARG A 58 18.35 4.80 -12.37
CA ARG A 58 18.84 3.74 -13.25
C ARG A 58 18.32 2.37 -12.78
N PHE A 59 17.77 2.28 -11.54
CA PHE A 59 17.05 1.08 -11.08
C PHE A 59 15.60 1.42 -11.39
N SER A 60 15.09 0.86 -12.49
CA SER A 60 13.83 1.26 -13.10
C SER A 60 12.64 0.40 -12.71
N MET A 61 11.49 1.04 -12.40
CA MET A 61 10.26 0.28 -12.23
C MET A 61 9.74 -0.14 -13.62
N LYS A 62 9.61 0.82 -14.58
CA LYS A 62 9.07 0.49 -15.90
C LYS A 62 9.76 -0.73 -16.52
N GLU A 63 11.10 -0.80 -16.41
CA GLU A 63 11.83 -1.88 -17.06
C GLU A 63 11.58 -3.28 -16.44
N THR A 64 10.98 -3.36 -15.24
CA THR A 64 10.63 -4.68 -14.69
C THR A 64 9.60 -5.40 -15.59
N ALA A 65 8.84 -4.64 -16.44
CA ALA A 65 7.84 -5.24 -17.34
C ALA A 65 8.47 -5.68 -18.66
N ALA A 66 9.80 -5.49 -18.86
CA ALA A 66 10.42 -5.89 -20.13
C ALA A 66 10.31 -7.39 -20.34
N ALA A 67 9.99 -7.80 -21.58
CA ALA A 67 9.87 -9.23 -21.87
C ALA A 67 11.24 -9.89 -21.61
N GLY A 68 11.23 -11.06 -20.98
CA GLY A 68 12.47 -11.80 -20.72
C GLY A 68 13.22 -11.41 -19.47
N ALA A 69 12.75 -10.38 -18.73
CA ALA A 69 13.42 -9.97 -17.51
C ALA A 69 13.22 -11.02 -16.41
N PRO A 70 14.15 -11.10 -15.45
CA PRO A 70 13.88 -11.90 -14.23
C PRO A 70 12.72 -11.19 -13.49
N ARG A 71 11.73 -12.00 -13.06
CA ARG A 71 10.52 -11.44 -12.44
C ARG A 71 10.32 -11.79 -10.98
N LEU A 72 9.83 -10.82 -10.21
CA LEU A 72 9.42 -11.05 -8.83
C LEU A 72 8.17 -11.94 -8.84
N ASN A 73 7.22 -11.57 -9.73
CA ASN A 73 5.92 -12.24 -9.86
C ASN A 73 5.36 -11.91 -11.23
N ALA A 74 4.21 -12.52 -11.55
CA ALA A 74 3.59 -12.26 -12.85
C ALA A 74 2.82 -10.96 -12.82
N LEU A 75 2.82 -10.26 -13.97
CA LEU A 75 2.01 -9.04 -14.04
C LEU A 75 0.55 -9.37 -13.89
N THR A 76 -0.20 -8.49 -13.18
CA THR A 76 -1.66 -8.57 -13.09
C THR A 76 -2.32 -7.39 -13.79
N VAL A 77 -1.49 -6.51 -14.41
CA VAL A 77 -1.97 -5.35 -15.15
C VAL A 77 -1.29 -5.40 -16.53
N PRO A 78 -1.79 -4.66 -17.53
CA PRO A 78 -1.07 -4.59 -18.82
C PRO A 78 0.34 -4.01 -18.59
N PRO A 79 1.35 -4.41 -19.39
CA PRO A 79 2.71 -3.93 -19.13
C PRO A 79 2.89 -2.40 -19.15
N GLU A 80 2.07 -1.68 -19.95
CA GLU A 80 2.20 -0.22 -19.96
C GLU A 80 1.82 0.42 -18.64
N VAL A 81 0.96 -0.26 -17.84
CA VAL A 81 0.50 0.25 -16.54
C VAL A 81 1.63 0.15 -15.50
N VAL A 82 2.67 -0.63 -15.80
CA VAL A 82 3.81 -0.65 -14.89
C VAL A 82 4.50 0.72 -14.93
N ASN A 83 4.25 1.51 -15.99
CA ASN A 83 4.76 2.89 -16.09
C ASN A 83 3.63 3.90 -15.74
N ASN A 84 2.64 3.51 -14.90
CA ASN A 84 1.48 4.36 -14.67
C ASN A 84 1.78 5.80 -14.33
N MET A 85 2.57 6.05 -13.29
CA MET A 85 2.80 7.45 -12.93
CA MET A 85 2.85 7.45 -12.90
C MET A 85 3.55 8.21 -14.00
N GLY A 86 4.47 7.56 -14.68
CA GLY A 86 5.17 8.18 -15.80
C GLY A 86 4.20 8.56 -16.90
N ASN A 87 3.22 7.68 -17.20
CA ASN A 87 2.20 8.00 -18.23
C ASN A 87 1.33 9.20 -17.80
N ILE A 88 0.95 9.24 -16.52
CA ILE A 88 0.16 10.34 -15.96
C ILE A 88 0.97 11.65 -16.10
N ALA A 89 2.27 11.62 -15.71
CA ALA A 89 3.12 12.80 -15.79
C ALA A 89 3.28 13.27 -17.24
N ASP A 90 3.50 12.33 -18.19
CA ASP A 90 3.68 12.64 -19.63
C ASP A 90 2.42 13.29 -20.24
N ALA A 91 1.24 12.91 -19.69
CA ALA A 91 -0.06 13.41 -20.12
C ALA A 91 -0.35 14.80 -19.55
N GLY A 92 0.52 15.30 -18.66
CA GLY A 92 0.34 16.59 -17.98
C GLY A 92 -0.74 16.53 -16.90
N LEU A 93 -0.98 15.31 -16.35
CA LEU A 93 -2.06 15.09 -15.38
C LEU A 93 -1.63 14.94 -13.94
N ARG A 94 -0.32 15.01 -13.67
CA ARG A 94 0.19 14.79 -12.32
C ARG A 94 -0.37 15.75 -11.28
N LYS A 95 -0.34 17.06 -11.58
CA LYS A 95 -0.85 18.07 -10.62
C LYS A 95 -2.33 17.87 -10.31
N ALA A 96 -3.13 17.62 -11.36
CA ALA A 96 -4.57 17.41 -11.17
C ALA A 96 -4.85 16.16 -10.36
N VAL A 97 -4.10 15.09 -10.58
CA VAL A 97 -4.29 13.87 -9.79
C VAL A 97 -3.94 14.12 -8.32
N MET A 98 -2.79 14.80 -8.04
CA MET A 98 -2.42 15.09 -6.64
C MET A 98 -3.41 15.91 -5.92
N LYS A 99 -3.94 16.97 -6.57
CA LYS A 99 -4.92 17.85 -5.96
C LYS A 99 -6.17 17.08 -5.58
N ALA A 100 -6.57 16.13 -6.43
CA ALA A 100 -7.81 15.42 -6.17
C ALA A 100 -7.70 14.43 -5.01
N ILE A 101 -6.48 13.95 -4.69
CA ILE A 101 -6.28 12.92 -3.65
C ILE A 101 -5.75 13.44 -2.30
N THR A 102 -5.71 14.77 -2.11
CA THR A 102 -5.32 15.34 -0.82
C THR A 102 -6.42 15.14 0.21
N PRO A 103 -6.07 14.88 1.48
CA PRO A 103 -7.12 14.73 2.49
C PRO A 103 -7.73 16.07 2.92
N LYS A 104 -7.12 17.20 2.48
CA LYS A 104 -7.54 18.57 2.82
C LYS A 104 -8.80 19.07 2.07
N ALA A 105 -9.32 18.29 1.12
CA ALA A 105 -10.53 18.62 0.37
C ALA A 105 -11.74 18.94 1.30
N PRO A 106 -12.53 20.02 1.04
CA PRO A 106 -13.66 20.34 1.95
C PRO A 106 -14.57 19.16 2.27
N GLY A 107 -14.79 18.95 3.56
CA GLY A 107 -15.66 17.89 4.09
C GLY A 107 -15.17 16.46 4.01
N LEU A 108 -13.98 16.22 3.44
CA LEU A 108 -13.44 14.85 3.31
C LEU A 108 -13.08 14.23 4.65
N GLU A 109 -12.41 14.98 5.52
CA GLU A 109 -12.07 14.49 6.85
C GLU A 109 -13.35 14.23 7.67
N GLN A 110 -14.38 15.09 7.51
CA GLN A 110 -15.65 14.86 8.20
C GLN A 110 -16.35 13.63 7.67
N PHE A 111 -16.23 13.38 6.36
CA PHE A 111 -16.81 12.17 5.76
C PHE A 111 -16.10 10.93 6.35
N LEU A 112 -14.76 11.00 6.50
CA LEU A 112 -13.99 9.86 7.06
C LEU A 112 -14.42 9.60 8.49
N ARG A 113 -14.55 10.67 9.31
CA ARG A 113 -15.00 10.53 10.70
C ARG A 113 -16.42 9.94 10.78
N ASP A 114 -17.37 10.51 10.01
CA ASP A 114 -18.76 10.02 9.98
C ASP A 114 -18.84 8.57 9.54
N THR A 115 -18.06 8.18 8.50
CA THR A 115 -18.10 6.80 8.02
C THR A 115 -17.52 5.84 9.07
N ALA A 116 -16.36 6.20 9.67
CA ALA A 116 -15.74 5.33 10.69
C ALA A 116 -16.70 5.16 11.87
N ASN A 117 -17.35 6.28 12.29
CA ASN A 117 -18.28 6.20 13.42
C ASN A 117 -19.47 5.35 13.11
N SER A 118 -20.04 5.45 11.90
CA SER A 118 -21.19 4.62 11.51
C SER A 118 -20.81 3.13 11.48
N LEU A 119 -19.63 2.82 10.90
CA LEU A 119 -19.20 1.41 10.86
C LEU A 119 -19.05 0.84 12.27
N LEU A 120 -18.41 1.61 13.17
CA LEU A 120 -18.23 1.18 14.55
C LEU A 120 -19.53 1.06 15.31
N ASP A 121 -20.49 2.01 15.08
CA ASP A 121 -21.77 1.91 15.78
C ASP A 121 -22.49 0.61 15.38
N ASN A 122 -22.38 0.23 14.10
CA ASN A 122 -22.99 -0.98 13.58
C ASN A 122 -22.40 -2.21 14.23
N LEU A 123 -21.07 -2.21 14.46
CA LEU A 123 -20.41 -3.33 15.12
C LEU A 123 -20.84 -3.44 16.56
N ILE A 124 -20.94 -2.28 17.25
CA ILE A 124 -21.38 -2.27 18.65
C ILE A 124 -22.81 -2.81 18.76
N THR A 125 -23.70 -2.40 17.84
CA THR A 125 -25.10 -2.87 17.84
C THR A 125 -25.15 -4.39 17.65
N GLU A 126 -24.35 -4.92 16.71
CA GLU A 126 -24.32 -6.35 16.39
C GLU A 126 -23.78 -7.18 17.57
N GLY A 127 -22.84 -6.59 18.32
CA GLY A 127 -22.21 -7.22 19.47
C GLY A 127 -20.97 -8.01 19.11
N ALA A 128 -20.08 -8.17 20.08
CA ALA A 128 -18.82 -8.88 19.89
C ALA A 128 -19.02 -10.37 19.60
N PRO A 129 -18.14 -11.01 18.84
CA PRO A 129 -16.93 -10.46 18.18
C PRO A 129 -17.22 -9.70 16.89
N ALA A 130 -16.36 -8.73 16.57
CA ALA A 130 -16.46 -7.93 15.35
C ALA A 130 -15.22 -8.23 14.54
N ASP A 131 -15.34 -8.14 13.22
CA ASP A 131 -14.19 -8.37 12.33
C ASP A 131 -13.71 -6.98 11.86
N LEU A 132 -12.60 -6.51 12.43
CA LEU A 132 -12.09 -5.17 12.09
C LEU A 132 -11.56 -5.02 10.67
N ARG A 133 -11.28 -6.11 9.96
CA ARG A 133 -10.85 -5.97 8.58
C ARG A 133 -12.06 -5.86 7.69
N ASN A 134 -12.88 -6.90 7.66
CA ASN A 134 -13.97 -6.92 6.72
C ASN A 134 -15.09 -5.97 7.02
N ASP A 135 -15.25 -5.59 8.30
CA ASP A 135 -16.39 -4.76 8.69
C ASP A 135 -15.99 -3.40 9.24
N PHE A 136 -14.69 -3.04 9.10
CA PHE A 136 -14.21 -1.74 9.51
C PHE A 136 -13.18 -1.16 8.54
N ALA A 137 -11.94 -1.68 8.59
CA ALA A 137 -10.85 -1.07 7.82
C ALA A 137 -11.05 -1.08 6.33
N ASP A 138 -11.47 -2.22 5.76
CA ASP A 138 -11.65 -2.30 4.30
C ASP A 138 -12.88 -1.48 3.84
N PRO A 139 -14.07 -1.54 4.49
CA PRO A 139 -15.17 -0.66 4.03
C PRO A 139 -14.79 0.82 4.21
N LEU A 140 -14.03 1.19 5.25
CA LEU A 140 -13.64 2.60 5.44
C LEU A 140 -12.76 3.03 4.26
N ALA A 141 -11.79 2.17 3.89
CA ALA A 141 -10.95 2.44 2.71
C ALA A 141 -11.77 2.55 1.43
N THR A 142 -12.72 1.62 1.23
CA THR A 142 -13.54 1.62 0.00
C THR A 142 -14.41 2.89 -0.05
N ALA A 143 -15.07 3.23 1.06
CA ALA A 143 -15.92 4.42 1.09
C ALA A 143 -15.10 5.67 0.82
N LEU A 144 -13.93 5.78 1.46
CA LEU A 144 -13.03 6.92 1.21
C LEU A 144 -12.70 7.06 -0.27
N HIS A 145 -12.29 5.94 -0.92
CA HIS A 145 -11.89 6.04 -2.31
C HIS A 145 -13.04 6.31 -3.27
N CYS A 146 -14.27 5.86 -2.96
CA CYS A 146 -15.40 6.25 -3.82
C CYS A 146 -15.58 7.75 -3.70
N LYS A 147 -15.51 8.30 -2.48
CA LYS A 147 -15.68 9.73 -2.29
C LYS A 147 -14.57 10.52 -3.01
N VAL A 148 -13.30 10.11 -2.83
CA VAL A 148 -12.16 10.78 -3.50
C VAL A 148 -12.33 10.72 -5.03
N LEU A 149 -12.76 9.57 -5.56
CA LEU A 149 -12.97 9.44 -7.00
C LEU A 149 -14.19 10.17 -7.51
N GLY A 150 -15.20 10.40 -6.66
CA GLY A 150 -16.43 11.02 -7.12
C GLY A 150 -17.42 10.03 -7.67
N ILE A 151 -17.24 8.72 -7.34
CA ILE A 151 -18.11 7.67 -7.86
C ILE A 151 -19.13 7.22 -6.81
N PRO A 152 -20.26 6.61 -7.22
CA PRO A 152 -21.27 6.22 -6.23
C PRO A 152 -20.72 5.26 -5.15
N GLN A 153 -21.09 5.50 -3.87
CA GLN A 153 -20.69 4.61 -2.78
C GLN A 153 -21.16 3.17 -3.06
N GLU A 154 -22.35 3.00 -3.67
CA GLU A 154 -22.89 1.66 -3.96
C GLU A 154 -22.05 0.85 -4.97
N ASP A 155 -21.17 1.52 -5.73
CA ASP A 155 -20.30 0.85 -6.69
C ASP A 155 -19.00 0.34 -6.05
N GLY A 156 -18.69 0.80 -4.84
CA GLY A 156 -17.44 0.40 -4.18
C GLY A 156 -17.26 -1.09 -3.94
N PRO A 157 -18.26 -1.79 -3.36
CA PRO A 157 -18.04 -3.23 -3.05
C PRO A 157 -17.64 -4.09 -4.25
N LYS A 158 -18.26 -3.89 -5.40
CA LYS A 158 -17.89 -4.72 -6.57
C LYS A 158 -16.47 -4.38 -7.04
N LEU A 159 -16.08 -3.07 -7.06
CA LEU A 159 -14.72 -2.71 -7.47
C LEU A 159 -13.75 -3.32 -6.45
N PHE A 160 -14.13 -3.29 -5.15
CA PHE A 160 -13.31 -3.89 -4.11
C PHE A 160 -13.09 -5.40 -4.32
N ARG A 161 -14.12 -6.11 -4.74
CA ARG A 161 -13.96 -7.57 -4.89
C ARG A 161 -12.94 -7.98 -5.97
N SER A 162 -12.48 -7.05 -6.84
CA SER A 162 -11.41 -7.41 -7.76
C SER A 162 -10.08 -7.57 -7.03
N LEU A 163 -9.96 -6.93 -5.85
CA LEU A 163 -8.65 -6.77 -5.23
C LEU A 163 -7.94 -8.00 -4.67
N SER A 164 -8.71 -9.02 -4.24
CA SER A 164 -8.09 -10.24 -3.72
C SER A 164 -7.33 -10.99 -4.81
N ILE A 165 -7.61 -10.65 -6.08
CA ILE A 165 -6.93 -11.24 -7.24
C ILE A 165 -5.96 -10.21 -7.87
N ALA A 166 -6.39 -8.94 -7.95
CA ALA A 166 -5.61 -7.91 -8.65
C ALA A 166 -4.26 -7.69 -7.97
N PHE A 167 -4.23 -7.85 -6.61
CA PHE A 167 -3.01 -7.67 -5.85
C PHE A 167 -2.35 -8.99 -5.45
N MET A 168 -2.66 -10.10 -6.17
CA MET A 168 -1.92 -11.33 -5.95
C MET A 168 -0.46 -11.17 -6.38
N SER A 169 0.42 -11.94 -5.73
CA SER A 169 1.85 -12.02 -6.03
C SER A 169 2.09 -13.47 -6.43
N SER A 170 1.81 -13.75 -7.73
CA SER A 170 1.75 -15.11 -8.30
C SER A 170 2.96 -15.46 -9.15
N ALA A 171 3.30 -16.76 -9.23
CA ALA A 171 4.41 -17.13 -10.11
C ALA A 171 3.96 -16.99 -11.58
N ASP A 172 2.66 -17.15 -11.84
CA ASP A 172 2.14 -17.25 -13.19
C ASP A 172 0.99 -16.28 -13.46
N PRO A 173 0.75 -15.94 -14.73
CA PRO A 173 -0.36 -15.05 -15.07
C PRO A 173 -1.67 -15.58 -14.49
N ILE A 174 -2.61 -14.65 -14.21
CA ILE A 174 -3.86 -14.95 -13.51
C ILE A 174 -5.03 -14.66 -14.44
N PRO A 175 -5.74 -15.68 -15.00
CA PRO A 175 -6.84 -15.38 -15.92
C PRO A 175 -7.89 -14.44 -15.32
N ALA A 176 -8.26 -14.64 -14.06
CA ALA A 176 -9.27 -13.76 -13.44
C ALA A 176 -8.82 -12.30 -13.36
N ALA A 177 -7.50 -12.05 -13.22
CA ALA A 177 -7.05 -10.65 -13.13
C ALA A 177 -7.37 -9.90 -14.42
N LYS A 178 -7.27 -10.57 -15.58
CA LYS A 178 -7.61 -9.86 -16.82
C LYS A 178 -9.12 -9.65 -16.98
N ILE A 179 -9.92 -10.63 -16.55
CA ILE A 179 -11.37 -10.49 -16.65
C ILE A 179 -11.80 -9.29 -15.79
N ASN A 180 -11.30 -9.21 -14.53
CA ASN A 180 -11.72 -8.11 -13.65
C ASN A 180 -11.14 -6.78 -14.15
N TRP A 181 -9.87 -6.78 -14.62
CA TRP A 181 -9.26 -5.52 -15.12
C TRP A 181 -10.10 -4.95 -16.24
N ASP A 182 -10.42 -5.80 -17.24
CA ASP A 182 -11.15 -5.26 -18.37
C ASP A 182 -12.54 -4.76 -18.00
N ARG A 183 -13.19 -5.44 -17.05
CA ARG A 183 -14.50 -5.01 -16.62
C ARG A 183 -14.40 -3.69 -15.82
N ASP A 184 -13.37 -3.58 -14.94
CA ASP A 184 -13.23 -2.35 -14.14
C ASP A 184 -12.85 -1.18 -15.02
N ILE A 185 -12.07 -1.41 -16.08
CA ILE A 185 -11.77 -0.33 -17.03
C ILE A 185 -13.04 0.11 -17.74
N GLU A 186 -13.89 -0.87 -18.14
CA GLU A 186 -15.17 -0.50 -18.80
C GLU A 186 -16.05 0.34 -17.89
N TYR A 187 -16.08 -0.01 -16.62
CA TYR A 187 -16.80 0.78 -15.63
C TYR A 187 -16.28 2.23 -15.59
N MET A 188 -14.95 2.40 -15.48
CA MET A 188 -14.38 3.76 -15.39
C MET A 188 -14.57 4.50 -16.70
N ALA A 189 -14.54 3.80 -17.85
CA ALA A 189 -14.83 4.48 -19.13
C ALA A 189 -16.27 5.02 -19.13
N GLY A 190 -17.20 4.24 -18.57
CA GLY A 190 -18.59 4.68 -18.45
C GLY A 190 -18.73 5.87 -17.52
N ILE A 191 -17.94 5.88 -16.44
CA ILE A 191 -17.93 7.00 -15.49
C ILE A 191 -17.52 8.31 -16.18
N LEU A 192 -16.50 8.23 -17.06
CA LEU A 192 -16.06 9.43 -17.78
C LEU A 192 -17.15 9.98 -18.69
N GLU A 193 -18.02 9.09 -19.19
CA GLU A 193 -19.13 9.47 -20.09
C GLU A 193 -20.42 9.81 -19.33
N ASN A 194 -20.46 9.58 -18.01
CA ASN A 194 -21.65 9.79 -17.17
C ASN A 194 -21.76 11.25 -16.74
N PRO A 195 -22.83 11.96 -17.17
CA PRO A 195 -22.94 13.39 -16.81
C PRO A 195 -23.10 13.68 -15.32
N ASN A 196 -23.51 12.67 -14.54
CA ASN A 196 -23.69 12.85 -13.10
C ASN A 196 -22.36 12.90 -12.34
N ILE A 197 -21.25 12.49 -12.98
CA ILE A 197 -19.96 12.43 -12.28
C ILE A 197 -19.19 13.72 -12.47
N THR A 198 -19.33 14.62 -11.50
CA THR A 198 -18.76 15.95 -11.62
C THR A 198 -17.84 16.33 -10.47
N THR A 199 -17.63 15.42 -9.49
CA THR A 199 -16.78 15.75 -8.37
C THR A 199 -15.64 14.75 -8.29
N GLY A 200 -14.70 15.05 -7.40
CA GLY A 200 -13.57 14.16 -7.15
C GLY A 200 -12.64 13.97 -8.34
N LEU A 201 -11.79 12.94 -8.25
CA LEU A 201 -10.83 12.66 -9.31
C LEU A 201 -11.50 12.37 -10.64
N MET A 202 -12.53 11.52 -10.65
CA MET A 202 -13.17 11.23 -11.93
C MET A 202 -13.93 12.40 -12.50
N GLY A 203 -14.53 13.25 -11.67
CA GLY A 203 -15.17 14.46 -12.19
C GLY A 203 -14.13 15.38 -12.84
N GLU A 204 -12.95 15.52 -12.22
CA GLU A 204 -11.89 16.37 -12.79
C GLU A 204 -11.33 15.78 -14.07
N LEU A 205 -11.07 14.47 -14.09
CA LEU A 205 -10.55 13.86 -15.34
C LEU A 205 -11.59 13.95 -16.46
N SER A 206 -12.88 13.87 -16.11
CA SER A 206 -13.94 13.96 -17.13
C SER A 206 -13.94 15.33 -17.77
N ARG A 207 -13.65 16.41 -16.97
CA ARG A 207 -13.59 17.75 -17.56
CA ARG A 207 -13.56 17.76 -17.52
C ARG A 207 -12.31 17.93 -18.36
N LEU A 208 -11.14 17.48 -17.81
CA LEU A 208 -9.88 17.63 -18.57
C LEU A 208 -9.95 16.87 -19.90
N ARG A 209 -10.65 15.73 -19.92
CA ARG A 209 -10.77 14.96 -21.18
C ARG A 209 -11.41 15.77 -22.30
N LYS A 210 -12.30 16.72 -21.97
CA LYS A 210 -12.96 17.53 -22.99
C LYS A 210 -12.31 18.91 -23.19
N ASP A 211 -11.20 19.18 -22.49
CA ASP A 211 -10.48 20.43 -22.59
CA ASP A 211 -10.45 20.43 -22.57
C ASP A 211 -9.48 20.28 -23.76
N PRO A 212 -9.40 21.28 -24.64
CA PRO A 212 -8.49 21.17 -25.79
C PRO A 212 -7.03 20.89 -25.45
N ALA A 213 -6.56 21.31 -24.27
CA ALA A 213 -5.17 21.07 -23.89
C ALA A 213 -4.91 19.57 -23.60
N TYR A 214 -5.97 18.71 -23.52
CA TYR A 214 -5.76 17.28 -23.23
C TYR A 214 -6.46 16.41 -24.28
N SER A 215 -6.73 17.00 -25.47
CA SER A 215 -7.46 16.26 -26.51
C SER A 215 -6.77 15.03 -27.04
N HIS A 216 -5.45 14.98 -26.91
CA HIS A 216 -4.77 13.77 -27.36
C HIS A 216 -4.36 12.80 -26.27
N VAL A 217 -4.79 13.04 -25.01
CA VAL A 217 -4.54 12.07 -23.95
C VAL A 217 -5.51 10.92 -24.26
N SER A 218 -5.05 9.67 -24.14
CA SER A 218 -5.96 8.58 -24.48
C SER A 218 -7.05 8.33 -23.48
N ASP A 219 -8.23 7.88 -23.97
CA ASP A 219 -9.30 7.44 -23.09
C ASP A 219 -8.87 6.24 -22.23
N GLU A 220 -7.92 5.43 -22.77
CA GLU A 220 -7.37 4.28 -22.03
C GLU A 220 -6.71 4.80 -20.75
N LEU A 221 -5.91 5.87 -20.87
CA LEU A 221 -5.24 6.41 -19.68
C LEU A 221 -6.21 6.97 -18.67
N PHE A 222 -7.22 7.72 -19.11
CA PHE A 222 -8.16 8.30 -18.16
C PHE A 222 -8.85 7.19 -17.33
N ALA A 223 -9.29 6.11 -17.99
CA ALA A 223 -9.98 5.01 -17.28
C ALA A 223 -8.97 4.29 -16.37
N THR A 224 -7.73 4.10 -16.85
CA THR A 224 -6.68 3.43 -16.08
C THR A 224 -6.38 4.20 -14.79
N ILE A 225 -6.38 5.54 -14.82
CA ILE A 225 -6.11 6.29 -13.59
C ILE A 225 -7.18 5.96 -12.52
N GLY A 226 -8.45 5.89 -12.93
CA GLY A 226 -9.51 5.53 -11.98
C GLY A 226 -9.32 4.14 -11.40
N VAL A 227 -9.06 3.14 -12.26
CA VAL A 227 -8.90 1.75 -11.75
C VAL A 227 -7.69 1.64 -10.82
N THR A 228 -6.57 2.23 -11.25
CA THR A 228 -5.32 2.09 -10.48
C THR A 228 -5.32 2.87 -9.18
N PHE A 229 -5.88 4.09 -9.17
CA PHE A 229 -5.88 4.82 -7.90
C PHE A 229 -6.89 4.22 -6.93
N PHE A 230 -8.03 3.71 -7.43
CA PHE A 230 -8.92 3.01 -6.51
C PHE A 230 -8.21 1.77 -5.94
N GLY A 231 -7.59 0.98 -6.81
CA GLY A 231 -7.02 -0.30 -6.38
C GLY A 231 -5.84 -0.11 -5.44
N ALA A 232 -4.81 0.64 -5.88
CA ALA A 232 -3.64 0.81 -5.01
C ALA A 232 -4.04 1.53 -3.72
N GLY A 233 -4.92 2.53 -3.79
CA GLY A 233 -5.27 3.25 -2.56
C GLY A 233 -6.07 2.40 -1.61
N VAL A 234 -7.08 1.66 -2.12
CA VAL A 234 -7.92 0.84 -1.24
C VAL A 234 -7.12 -0.31 -0.67
N ILE A 235 -6.33 -1.02 -1.48
CA ILE A 235 -5.58 -2.13 -0.88
C ILE A 235 -4.52 -1.64 0.11
N SER A 236 -3.92 -0.46 -0.14
CA SER A 236 -2.87 -0.01 0.73
C SER A 236 -3.39 0.54 2.05
N THR A 237 -4.43 1.38 2.00
CA THR A 237 -5.02 1.93 3.23
C THR A 237 -5.75 0.87 4.05
N GLY A 238 -6.53 0.02 3.38
CA GLY A 238 -7.25 -1.02 4.13
C GLY A 238 -6.27 -1.99 4.80
N SER A 239 -5.23 -2.40 4.08
CA SER A 239 -4.27 -3.37 4.64
C SER A 239 -3.38 -2.72 5.71
N PHE A 240 -2.91 -1.47 5.49
CA PHE A 240 -2.13 -0.81 6.52
C PHE A 240 -2.98 -0.60 7.78
N LEU A 241 -4.22 -0.08 7.65
CA LEU A 241 -5.00 0.15 8.87
C LEU A 241 -5.22 -1.16 9.63
N THR A 242 -5.56 -2.23 8.91
CA THR A 242 -5.80 -3.52 9.56
C THR A 242 -4.59 -3.97 10.36
N THR A 243 -3.40 -3.97 9.75
CA THR A 243 -2.20 -4.44 10.44
C THR A 243 -1.74 -3.44 11.51
N ALA A 244 -1.98 -2.13 11.34
CA ALA A 244 -1.66 -1.15 12.38
C ALA A 244 -2.55 -1.41 13.60
N LEU A 245 -3.83 -1.82 13.38
CA LEU A 245 -4.72 -2.12 14.50
C LEU A 245 -4.21 -3.30 15.30
N ILE A 246 -3.60 -4.32 14.63
CA ILE A 246 -3.00 -5.43 15.38
C ILE A 246 -1.83 -4.91 16.17
N SER A 247 -0.95 -4.10 15.54
CA SER A 247 0.20 -3.53 16.25
C SER A 247 -0.23 -2.77 17.49
N LEU A 248 -1.33 -2.05 17.43
CA LEU A 248 -1.84 -1.24 18.54
C LEU A 248 -2.48 -2.13 19.60
N ILE A 249 -3.28 -3.12 19.19
CA ILE A 249 -3.96 -4.02 20.14
C ILE A 249 -2.88 -4.80 20.93
N GLN A 250 -1.75 -5.14 20.30
CA GLN A 250 -0.64 -5.85 20.98
C GLN A 250 0.22 -4.94 21.89
N ARG A 251 -0.13 -3.66 21.95
CA ARG A 251 0.59 -2.65 22.76
C ARG A 251 -0.44 -1.90 23.59
N PRO A 252 -1.01 -2.53 24.63
CA PRO A 252 -2.07 -1.86 25.39
C PRO A 252 -1.64 -0.55 26.05
N GLN A 253 -0.35 -0.43 26.46
CA GLN A 253 0.14 0.80 27.08
C GLN A 253 0.07 1.95 26.04
N LEU A 254 0.44 1.66 24.79
CA LEU A 254 0.34 2.67 23.72
C LEU A 254 -1.13 2.97 23.39
N ARG A 255 -1.97 1.91 23.28
CA ARG A 255 -3.40 2.07 23.01
C ARG A 255 -4.01 2.97 24.08
N ASN A 256 -3.65 2.74 25.38
CA ASN A 256 -4.19 3.56 26.46
C ASN A 256 -3.73 5.00 26.37
N LEU A 257 -2.44 5.23 26.03
CA LEU A 257 -1.90 6.57 25.90
C LEU A 257 -2.56 7.35 24.75
N LEU A 258 -2.77 6.69 23.60
CA LEU A 258 -3.44 7.36 22.47
C LEU A 258 -4.90 7.63 22.77
N HIS A 259 -5.54 6.74 23.54
CA HIS A 259 -6.94 6.99 23.93
C HIS A 259 -7.05 8.25 24.83
N GLU A 260 -6.10 8.41 25.76
CA GLU A 260 -6.04 9.50 26.75
C GLU A 260 -5.61 10.80 26.12
N LYS A 261 -4.67 10.73 25.14
CA LYS A 261 -4.08 11.89 24.48
C LYS A 261 -4.18 11.73 22.97
N PRO A 262 -5.40 11.89 22.37
CA PRO A 262 -5.53 11.67 20.92
C PRO A 262 -4.69 12.62 20.07
N GLU A 263 -4.14 13.71 20.65
CA GLU A 263 -3.27 14.63 19.90
C GLU A 263 -1.95 13.94 19.50
N LEU A 264 -1.64 12.79 20.15
CA LEU A 264 -0.44 11.99 19.86
C LEU A 264 -0.71 10.97 18.75
N ILE A 265 -1.95 10.88 18.25
CA ILE A 265 -2.29 9.90 17.21
C ILE A 265 -1.44 10.08 15.94
N PRO A 266 -1.22 11.31 15.42
CA PRO A 266 -0.37 11.43 14.21
C PRO A 266 1.05 10.88 14.46
N ALA A 267 1.68 11.15 15.61
CA ALA A 267 3.01 10.59 15.90
C ALA A 267 2.92 9.06 16.04
N GLY A 268 1.82 8.57 16.63
CA GLY A 268 1.63 7.13 16.78
C GLY A 268 1.48 6.48 15.42
N VAL A 269 0.68 7.07 14.52
CA VAL A 269 0.51 6.51 13.15
C VAL A 269 1.84 6.52 12.38
N GLU A 270 2.69 7.56 12.58
CA GLU A 270 3.98 7.54 11.89
C GLU A 270 4.85 6.35 12.34
N GLU A 271 4.84 6.02 13.63
CA GLU A 271 5.58 4.84 14.11
C GLU A 271 4.89 3.56 13.66
N LEU A 272 3.54 3.53 13.63
CA LEU A 272 2.83 2.33 13.13
C LEU A 272 3.17 2.10 11.64
N LEU A 273 3.37 3.20 10.86
CA LEU A 273 3.82 3.07 9.46
C LEU A 273 5.25 2.51 9.46
N ARG A 274 6.13 3.08 10.31
CA ARG A 274 7.52 2.63 10.30
C ARG A 274 7.64 1.13 10.57
N ILE A 275 6.91 0.59 11.57
CA ILE A 275 7.05 -0.84 11.89
C ILE A 275 6.10 -1.72 11.08
N ASN A 276 5.40 -1.16 10.11
CA ASN A 276 4.39 -1.93 9.38
C ASN A 276 4.99 -3.00 8.47
N LEU A 277 4.35 -4.17 8.44
CA LEU A 277 4.81 -5.28 7.60
C LEU A 277 3.81 -5.56 6.47
N SER A 278 2.99 -4.55 6.10
CA SER A 278 1.95 -4.74 5.08
C SER A 278 2.52 -5.11 3.70
N PHE A 279 3.68 -4.58 3.29
CA PHE A 279 4.22 -4.97 1.97
C PHE A 279 4.85 -6.35 2.06
N ALA A 280 4.29 -7.30 1.32
CA ALA A 280 4.71 -8.68 1.38
C ALA A 280 6.00 -9.00 0.65
N ASP A 281 6.37 -8.18 -0.35
CA ASP A 281 7.59 -8.40 -1.14
C ASP A 281 8.41 -7.13 -1.11
N GLY A 282 9.70 -7.27 -1.42
CA GLY A 282 10.49 -6.07 -1.64
C GLY A 282 9.96 -5.28 -2.85
N LEU A 283 10.25 -3.98 -2.89
CA LEU A 283 9.86 -3.19 -4.06
C LEU A 283 10.79 -3.55 -5.19
N PRO A 284 10.26 -3.89 -6.38
CA PRO A 284 11.12 -4.37 -7.47
C PRO A 284 11.63 -3.26 -8.37
N ARG A 285 12.87 -3.43 -8.84
CA ARG A 285 13.48 -2.53 -9.82
C ARG A 285 14.39 -3.36 -10.72
N LEU A 286 14.51 -2.96 -12.00
CA LEU A 286 15.46 -3.63 -12.88
C LEU A 286 16.64 -2.70 -13.15
N ALA A 287 17.86 -3.20 -13.00
CA ALA A 287 19.04 -2.38 -13.30
C ALA A 287 19.12 -2.11 -14.79
N THR A 288 19.36 -0.83 -15.17
CA THR A 288 19.54 -0.44 -16.59
C THR A 288 21.00 -0.12 -16.89
N ALA A 289 21.89 -0.39 -15.93
CA ALA A 289 23.32 -0.20 -16.03
C ALA A 289 24.00 -1.09 -14.99
N ASP A 290 25.35 -1.19 -15.04
CA ASP A 290 26.08 -1.90 -14.00
C ASP A 290 26.27 -0.90 -12.88
N ILE A 291 25.75 -1.21 -11.66
CA ILE A 291 25.77 -0.26 -10.56
C ILE A 291 26.25 -0.93 -9.30
N GLN A 292 27.25 -0.34 -8.62
CA GLN A 292 27.77 -0.89 -7.38
C GLN A 292 26.81 -0.58 -6.23
N VAL A 293 26.38 -1.62 -5.50
CA VAL A 293 25.48 -1.50 -4.33
C VAL A 293 26.15 -2.26 -3.22
N GLY A 294 26.75 -1.53 -2.26
CA GLY A 294 27.54 -2.19 -1.22
C GLY A 294 28.65 -3.00 -1.86
N ASP A 295 28.77 -4.28 -1.44
CA ASP A 295 29.82 -5.19 -1.93
C ASP A 295 29.50 -5.87 -3.28
N VAL A 296 28.32 -5.56 -3.87
CA VAL A 296 27.89 -6.24 -5.11
C VAL A 296 27.82 -5.29 -6.31
N LEU A 297 28.35 -5.73 -7.46
CA LEU A 297 28.20 -4.99 -8.68
C LEU A 297 26.96 -5.59 -9.35
N VAL A 298 25.83 -4.87 -9.24
CA VAL A 298 24.57 -5.31 -9.86
C VAL A 298 24.71 -5.09 -11.37
N ARG A 299 24.43 -6.13 -12.16
CA ARG A 299 24.58 -6.01 -13.59
C ARG A 299 23.29 -5.55 -14.29
N LYS A 300 23.46 -4.87 -15.42
CA LYS A 300 22.33 -4.47 -16.26
CA LYS A 300 22.32 -4.47 -16.26
C LYS A 300 21.46 -5.69 -16.52
N GLY A 301 20.15 -5.51 -16.35
CA GLY A 301 19.17 -6.56 -16.60
C GLY A 301 18.82 -7.40 -15.38
N GLU A 302 19.48 -7.15 -14.25
CA GLU A 302 19.18 -7.91 -13.03
C GLU A 302 18.09 -7.25 -12.22
N LEU A 303 17.37 -8.08 -11.43
CA LEU A 303 16.30 -7.66 -10.56
C LEU A 303 16.79 -7.39 -9.16
N VAL A 304 16.37 -6.23 -8.61
CA VAL A 304 16.70 -5.82 -7.24
C VAL A 304 15.38 -5.66 -6.49
N LEU A 305 15.33 -6.17 -5.24
CA LEU A 305 14.14 -6.09 -4.37
C LEU A 305 14.51 -5.31 -3.13
N VAL A 306 13.81 -4.18 -2.90
CA VAL A 306 14.10 -3.27 -1.80
C VAL A 306 13.18 -3.66 -0.64
N LEU A 307 13.76 -4.29 0.41
CA LEU A 307 12.96 -4.80 1.53
C LEU A 307 12.63 -3.68 2.52
N LEU A 308 11.37 -3.20 2.50
CA LEU A 308 11.01 -2.04 3.33
C LEU A 308 11.27 -2.24 4.80
N GLU A 309 10.92 -3.44 5.34
CA GLU A 309 11.17 -3.71 6.75
C GLU A 309 12.68 -3.88 7.07
N GLY A 310 13.46 -4.21 6.05
CA GLY A 310 14.90 -4.19 6.21
C GLY A 310 15.36 -2.77 6.56
N ALA A 311 14.89 -1.79 5.77
CA ALA A 311 15.24 -0.41 6.07
C ALA A 311 14.62 0.10 7.40
N ASN A 312 13.31 -0.18 7.57
CA ASN A 312 12.55 0.43 8.65
C ASN A 312 12.86 -0.14 10.04
N PHE A 313 13.45 -1.35 10.08
CA PHE A 313 13.88 -1.94 11.35
C PHE A 313 15.40 -1.92 11.47
N ASP A 314 16.09 -1.05 10.69
CA ASP A 314 17.55 -0.99 10.73
C ASP A 314 17.98 -0.19 11.97
N PRO A 315 18.65 -0.84 12.97
CA PRO A 315 19.01 -0.12 14.21
C PRO A 315 20.02 0.98 14.00
N GLU A 316 20.73 1.01 12.85
CA GLU A 316 21.69 2.08 12.60
C GLU A 316 20.97 3.36 12.22
N HIS A 317 19.68 3.26 11.82
CA HIS A 317 18.90 4.44 11.47
C HIS A 317 17.80 4.71 12.51
N PHE A 318 17.20 3.64 13.05
CA PHE A 318 16.12 3.73 14.03
C PHE A 318 16.50 2.89 15.27
N PRO A 319 17.24 3.49 16.23
CA PRO A 319 17.66 2.71 17.42
C PRO A 319 16.47 2.13 18.19
N ASN A 320 16.63 0.88 18.70
CA ASN A 320 15.54 0.08 19.33
C ASN A 320 14.38 0.04 18.33
N PRO A 321 14.67 -0.54 17.14
CA PRO A 321 13.71 -0.46 16.03
C PRO A 321 12.37 -1.12 16.23
N GLY A 322 12.33 -2.14 17.10
CA GLY A 322 11.08 -2.84 17.34
C GLY A 322 10.11 -2.13 18.26
N SER A 323 10.58 -1.02 18.88
CA SER A 323 9.78 -0.25 19.82
C SER A 323 9.17 1.00 19.20
N ILE A 324 7.87 1.23 19.47
CA ILE A 324 7.18 2.44 19.03
C ILE A 324 7.55 3.54 20.03
N GLU A 325 8.30 4.55 19.53
CA GLU A 325 8.76 5.65 20.38
C GLU A 325 8.26 6.92 19.69
N LEU A 326 7.43 7.72 20.37
CA LEU A 326 6.74 8.86 19.79
C LEU A 326 7.59 10.13 19.73
N ASP A 327 8.83 10.06 20.22
CA ASP A 327 9.75 11.21 20.29
C ASP A 327 11.05 10.95 19.52
N ARG A 328 11.00 10.19 18.42
CA ARG A 328 12.19 10.00 17.64
C ARG A 328 12.54 11.32 16.94
N PRO A 329 13.82 11.54 16.64
CA PRO A 329 14.20 12.79 15.98
C PRO A 329 14.04 12.75 14.45
N ASN A 330 13.81 11.55 13.88
CA ASN A 330 13.71 11.36 12.41
C ASN A 330 12.43 10.54 12.09
N PRO A 331 11.26 10.97 12.61
CA PRO A 331 10.07 10.11 12.55
C PRO A 331 9.46 9.80 11.21
N THR A 332 9.55 10.72 10.24
CA THR A 332 8.97 10.48 8.92
C THR A 332 10.00 9.97 7.92
N SER A 333 11.24 9.69 8.40
CA SER A 333 12.32 9.22 7.51
C SER A 333 12.26 7.74 7.18
N HIS A 334 11.18 7.06 7.60
CA HIS A 334 10.99 5.66 7.22
C HIS A 334 10.65 5.57 5.72
N LEU A 335 10.67 4.35 5.22
CA LEU A 335 10.36 4.05 3.81
C LEU A 335 8.99 3.41 3.60
N ALA A 336 8.03 3.62 4.51
CA ALA A 336 6.72 2.99 4.34
C ALA A 336 5.99 3.48 3.08
N PHE A 337 6.29 4.69 2.61
CA PHE A 337 5.68 5.23 1.38
C PHE A 337 6.72 5.22 0.25
N GLY A 338 7.81 4.48 0.41
CA GLY A 338 8.86 4.48 -0.60
C GLY A 338 9.76 5.68 -0.46
N ARG A 339 10.46 6.01 -1.56
CA ARG A 339 11.43 7.09 -1.58
C ARG A 339 11.78 7.35 -3.03
N GLY A 340 12.10 8.59 -3.36
CA GLY A 340 12.55 8.87 -4.73
C GLY A 340 11.43 9.11 -5.71
N GLN A 341 11.71 8.79 -6.98
CA GLN A 341 10.78 9.08 -8.06
C GLN A 341 9.39 8.50 -7.82
N HIS A 342 9.31 7.30 -7.21
CA HIS A 342 8.05 6.59 -7.05
C HIS A 342 7.42 6.76 -5.66
N PHE A 343 7.88 7.79 -4.90
CA PHE A 343 7.29 8.05 -3.57
C PHE A 343 5.76 8.15 -3.68
N CYS A 344 5.04 7.44 -2.78
CA CYS A 344 3.60 7.34 -2.80
C CYS A 344 2.91 8.69 -3.02
N PRO A 345 2.07 8.82 -4.05
CA PRO A 345 1.35 10.11 -4.23
C PRO A 345 0.17 10.23 -3.27
N GLY A 346 -0.22 9.12 -2.65
CA GLY A 346 -1.34 9.16 -1.70
C GLY A 346 -0.95 9.19 -0.23
N SER A 347 0.33 9.53 0.09
CA SER A 347 0.83 9.49 1.46
C SER A 347 0.01 10.27 2.45
N ALA A 348 -0.36 11.51 2.09
CA ALA A 348 -1.13 12.29 3.07
C ALA A 348 -2.51 11.67 3.30
N LEU A 349 -3.15 11.16 2.24
CA LEU A 349 -4.47 10.54 2.39
C LEU A 349 -4.40 9.26 3.22
N GLY A 350 -3.35 8.46 3.01
CA GLY A 350 -3.14 7.22 3.75
C GLY A 350 -2.93 7.50 5.22
N ARG A 351 -2.13 8.57 5.54
CA ARG A 351 -1.91 8.97 6.94
C ARG A 351 -3.24 9.37 7.57
N ARG A 352 -4.04 10.21 6.85
CA ARG A 352 -5.30 10.68 7.42
C ARG A 352 -6.33 9.56 7.63
N HIS A 353 -6.41 8.61 6.68
CA HIS A 353 -7.34 7.49 6.80
C HIS A 353 -7.03 6.70 8.09
N ALA A 354 -5.72 6.40 8.33
CA ALA A 354 -5.34 5.64 9.52
C ALA A 354 -5.53 6.45 10.81
N GLN A 355 -5.19 7.73 10.79
CA GLN A 355 -5.35 8.58 12.00
C GLN A 355 -6.81 8.64 12.38
N ILE A 356 -7.69 8.95 11.41
CA ILE A 356 -9.13 9.04 11.72
C ILE A 356 -9.75 7.71 12.11
N GLY A 357 -9.36 6.64 11.41
CA GLY A 357 -9.84 5.30 11.78
C GLY A 357 -9.46 4.91 13.21
N ILE A 358 -8.20 5.19 13.60
CA ILE A 358 -7.72 4.88 14.96
C ILE A 358 -8.37 5.78 15.98
N GLU A 359 -8.49 7.09 15.68
CA GLU A 359 -9.15 8.02 16.62
C GLU A 359 -10.59 7.56 16.91
N ALA A 360 -11.33 7.19 15.86
CA ALA A 360 -12.70 6.79 16.05
C ALA A 360 -12.79 5.47 16.83
N LEU A 361 -11.90 4.49 16.51
CA LEU A 361 -11.90 3.21 17.19
CA LEU A 361 -11.87 3.19 17.19
C LEU A 361 -11.61 3.36 18.67
N LEU A 362 -10.59 4.15 19.02
CA LEU A 362 -10.25 4.34 20.45
C LEU A 362 -11.34 5.06 21.22
N LYS A 363 -12.09 5.96 20.57
CA LYS A 363 -13.17 6.65 21.26
C LYS A 363 -14.35 5.69 21.53
N LYS A 364 -14.72 4.88 20.51
CA LYS A 364 -15.88 3.98 20.55
C LYS A 364 -15.62 2.68 21.30
N MET A 365 -14.39 2.12 21.16
CA MET A 365 -14.00 0.82 21.73
C MET A 365 -12.68 0.98 22.49
N PRO A 366 -12.64 1.74 23.59
CA PRO A 366 -11.37 1.91 24.30
C PRO A 366 -10.78 0.61 24.86
N GLY A 367 -11.63 -0.39 25.10
CA GLY A 367 -11.20 -1.69 25.59
C GLY A 367 -10.95 -2.72 24.49
N VAL A 368 -10.80 -2.28 23.23
CA VAL A 368 -10.59 -3.19 22.11
C VAL A 368 -9.45 -4.18 22.38
N ASP A 369 -9.68 -5.46 22.05
CA ASP A 369 -8.66 -6.48 22.20
C ASP A 369 -8.99 -7.59 21.23
N LEU A 370 -7.99 -8.40 20.91
CA LEU A 370 -8.22 -9.55 20.07
C LEU A 370 -9.21 -10.50 20.78
N ALA A 371 -10.11 -11.13 19.99
CA ALA A 371 -11.08 -12.11 20.56
C ALA A 371 -10.60 -13.54 20.36
N VAL A 372 -9.45 -13.71 19.67
CA VAL A 372 -8.85 -15.01 19.45
C VAL A 372 -7.35 -14.87 19.78
N PRO A 373 -6.67 -15.96 20.15
CA PRO A 373 -5.20 -15.88 20.34
C PRO A 373 -4.55 -15.40 19.03
N ILE A 374 -3.53 -14.56 19.11
CA ILE A 374 -2.97 -13.95 17.91
C ILE A 374 -2.51 -14.96 16.87
N ASP A 375 -2.03 -16.16 17.29
CA ASP A 375 -1.58 -17.13 16.29
C ASP A 375 -2.73 -17.65 15.46
N GLN A 376 -3.99 -17.45 15.89
CA GLN A 376 -5.14 -17.92 15.14
C GLN A 376 -5.51 -17.06 13.97
N LEU A 377 -4.87 -15.88 13.79
CA LEU A 377 -5.14 -15.09 12.59
C LEU A 377 -4.64 -15.86 11.38
N VAL A 378 -5.38 -15.76 10.27
CA VAL A 378 -5.05 -16.51 9.05
C VAL A 378 -4.40 -15.52 8.08
N TRP A 379 -3.12 -15.69 7.77
CA TRP A 379 -2.40 -14.71 6.93
C TRP A 379 -2.50 -15.04 5.46
N ARG A 380 -2.99 -14.07 4.69
CA ARG A 380 -3.13 -14.29 3.25
C ARG A 380 -1.76 -14.56 2.60
N THR A 381 -1.68 -15.62 1.78
CA THR A 381 -0.45 -16.02 1.09
C THR A 381 -0.43 -15.59 -0.38
N ARG A 382 0.79 -15.52 -0.93
CA ARG A 382 1.03 -15.18 -2.36
C ARG A 382 0.23 -13.95 -2.78
N PHE A 383 0.38 -12.92 -1.95
CA PHE A 383 -0.32 -11.66 -2.13
C PHE A 383 0.68 -10.52 -1.96
N GLN A 384 0.37 -9.34 -2.54
CA GLN A 384 1.28 -8.20 -2.50
C GLN A 384 1.24 -7.50 -1.16
N ARG A 385 0.25 -7.86 -0.31
CA ARG A 385 0.18 -7.35 1.04
C ARG A 385 0.11 -8.51 2.01
N ARG A 386 0.48 -8.24 3.27
CA ARG A 386 0.33 -9.19 4.37
C ARG A 386 -0.89 -8.71 5.12
N ILE A 387 -1.92 -9.56 5.22
CA ILE A 387 -3.14 -9.20 5.93
C ILE A 387 -3.77 -10.45 6.51
N PRO A 388 -4.44 -10.31 7.67
CA PRO A 388 -5.22 -11.44 8.20
C PRO A 388 -6.55 -11.51 7.44
N GLU A 389 -7.05 -12.70 7.17
CA GLU A 389 -8.31 -12.78 6.44
C GLU A 389 -9.44 -12.21 7.24
N ARG A 390 -9.44 -12.46 8.56
CA ARG A 390 -10.43 -11.88 9.47
C ARG A 390 -9.65 -11.30 10.64
N LEU A 391 -10.17 -10.24 11.28
CA LEU A 391 -9.50 -9.68 12.47
C LEU A 391 -10.54 -9.64 13.61
N PRO A 392 -10.74 -10.76 14.33
CA PRO A 392 -11.83 -10.81 15.34
C PRO A 392 -11.45 -10.11 16.64
N VAL A 393 -12.26 -9.15 17.06
CA VAL A 393 -12.00 -8.41 18.28
C VAL A 393 -13.22 -8.40 19.19
N LEU A 394 -12.96 -8.05 20.44
CA LEU A 394 -14.00 -7.79 21.44
C LEU A 394 -13.62 -6.45 22.11
N TRP A 395 -14.49 -5.94 23.01
CA TRP A 395 -14.20 -4.64 23.61
C TRP A 395 -14.95 -4.47 24.92
#